data_6PW3
#
_entry.id   6PW3
#
_cell.length_a   58.582
_cell.length_b   87.355
_cell.length_c   72.890
_cell.angle_alpha   90.000
_cell.angle_beta   93.367
_cell.angle_gamma   90.000
#
_symmetry.space_group_name_H-M   'P 1 21 1'
#
loop_
_entity.id
_entity.type
_entity.pdbx_description
1 polymer 'La-related protein 1'
2 non-polymer "7-METHYL-GUANOSINE-5'-TRIPHOSPHATE-5'-GUANOSINE"
3 non-polymer 'MAGNESIUM ION'
4 water water
#
_entity_poly.entity_id   1
_entity_poly.type   'polypeptide(L)'
_entity_poly.pdbx_seq_one_letter_code
;GHSGGGGGGHMQHPSHELLKENGFTQHVYHKYRRRCLNERKRLGIGQSQEMNTLFRFWSYFLEDHFNKKMYEEFKQLALE
DAKEGYRYGLECLFRYYSYGLEKKFRLDIFKDFQEETVKDYEAGQLYGLEKFWAFLKYSKAKNLDIDPKLQEYLGKFRRL
ED
;
_entity_poly.pdbx_strand_id   C,A,B,D
#
# COMPACT_ATOMS: atom_id res chain seq x y z
N HIS A 13 2.24 -13.70 -21.84
CA HIS A 13 2.02 -13.03 -20.56
C HIS A 13 3.35 -12.57 -19.97
N PRO A 14 3.38 -11.39 -19.34
CA PRO A 14 4.66 -10.89 -18.81
C PRO A 14 5.34 -11.85 -17.85
N SER A 15 4.59 -12.56 -17.02
CA SER A 15 5.19 -13.47 -16.06
C SER A 15 6.05 -14.54 -16.72
N HIS A 16 5.82 -14.81 -18.00
CA HIS A 16 6.65 -15.75 -18.76
C HIS A 16 7.66 -15.06 -19.67
N GLU A 17 7.42 -13.79 -20.02
CA GLU A 17 8.37 -13.07 -20.87
C GLU A 17 9.53 -12.51 -20.06
N LEU A 18 9.25 -12.02 -18.85
CA LEU A 18 10.31 -11.49 -18.00
C LEU A 18 11.23 -12.58 -17.45
N LEU A 19 10.84 -13.85 -17.57
CA LEU A 19 11.70 -14.94 -17.16
C LEU A 19 12.70 -15.34 -18.23
N LYS A 20 12.47 -14.95 -19.48
CA LYS A 20 13.40 -15.27 -20.56
C LYS A 20 14.76 -14.63 -20.30
N GLU A 21 15.80 -15.32 -20.74
CA GLU A 21 17.17 -14.83 -20.55
C GLU A 21 17.31 -13.46 -21.20
N ASN A 22 17.83 -12.50 -20.43
CA ASN A 22 18.04 -11.12 -20.90
C ASN A 22 16.74 -10.49 -21.40
N GLY A 23 15.60 -10.98 -20.93
CA GLY A 23 14.31 -10.46 -21.36
C GLY A 23 13.57 -9.71 -20.27
N PHE A 24 14.32 -9.19 -19.29
CA PHE A 24 13.74 -8.44 -18.19
C PHE A 24 14.00 -6.96 -18.37
N THR A 25 13.00 -6.15 -18.06
CA THR A 25 13.12 -4.70 -18.06
C THR A 25 12.23 -4.14 -16.96
N GLN A 26 12.74 -3.15 -16.24
CA GLN A 26 11.91 -2.45 -15.26
C GLN A 26 10.73 -1.76 -15.93
N HIS A 27 10.86 -1.42 -17.21
CA HIS A 27 9.75 -0.82 -17.94
C HIS A 27 8.55 -1.76 -17.96
N VAL A 28 8.79 -3.04 -18.27
CA VAL A 28 7.70 -4.01 -18.33
C VAL A 28 7.28 -4.45 -16.94
N TYR A 29 8.24 -4.62 -16.03
CA TYR A 29 7.91 -5.10 -14.69
C TYR A 29 7.03 -4.10 -13.94
N HIS A 30 7.31 -2.80 -14.11
CA HIS A 30 6.49 -1.79 -13.45
C HIS A 30 5.03 -1.92 -13.85
N LYS A 31 4.77 -2.05 -15.16
CA LYS A 31 3.40 -2.21 -15.63
C LYS A 31 2.79 -3.52 -15.12
N TYR A 32 3.51 -4.62 -15.32
CA TYR A 32 3.03 -5.92 -14.87
C TYR A 32 2.75 -5.90 -13.37
N ARG A 33 3.67 -5.34 -12.59
CA ARG A 33 3.50 -5.31 -11.14
C ARG A 33 2.25 -4.53 -10.73
N ARG A 34 1.96 -3.43 -11.43
CA ARG A 34 0.85 -2.58 -11.02
C ARG A 34 -0.49 -3.23 -11.33
N ARG A 35 -0.64 -3.79 -12.52
CA ARG A 35 -1.88 -4.50 -12.84
C ARG A 35 -2.18 -5.58 -11.80
N CYS A 36 -1.15 -6.33 -11.38
CA CYS A 36 -1.35 -7.38 -10.39
C CYS A 36 -1.81 -6.79 -9.06
N LEU A 37 -1.07 -5.81 -8.54
CA LEU A 37 -1.40 -5.26 -7.23
C LEU A 37 -2.74 -4.55 -7.26
N ASN A 38 -3.07 -3.87 -8.35
CA ASN A 38 -4.36 -3.19 -8.45
C ASN A 38 -5.50 -4.20 -8.46
N GLU A 39 -5.39 -5.24 -9.28
CA GLU A 39 -6.42 -6.28 -9.30
C GLU A 39 -6.57 -6.91 -7.92
N ARG A 40 -5.46 -7.09 -7.20
CA ARG A 40 -5.52 -7.59 -5.83
C ARG A 40 -6.21 -6.57 -4.93
N LYS A 41 -5.76 -5.31 -4.97
CA LYS A 41 -6.38 -4.26 -4.17
C LYS A 41 -7.85 -4.08 -4.53
N ARG A 42 -8.21 -4.35 -5.79
CA ARG A 42 -9.58 -4.16 -6.26
C ARG A 42 -10.46 -5.38 -5.98
N LEU A 43 -9.97 -6.57 -6.31
CA LEU A 43 -10.75 -7.79 -6.13
C LEU A 43 -10.60 -8.40 -4.73
N GLY A 44 -9.51 -8.11 -4.03
CA GLY A 44 -9.32 -8.56 -2.67
C GLY A 44 -8.27 -9.66 -2.56
N ILE A 45 -8.00 -10.03 -1.30
CA ILE A 45 -6.98 -11.03 -1.02
C ILE A 45 -7.39 -12.37 -1.61
N GLY A 46 -6.44 -13.03 -2.28
CA GLY A 46 -6.70 -14.34 -2.83
C GLY A 46 -7.75 -14.39 -3.93
N GLN A 47 -8.09 -13.24 -4.51
CA GLN A 47 -9.08 -13.17 -5.58
C GLN A 47 -8.47 -12.86 -6.94
N SER A 48 -7.22 -12.41 -6.98
CA SER A 48 -6.59 -11.97 -8.23
C SER A 48 -5.73 -13.11 -8.77
N GLN A 49 -6.14 -13.66 -9.91
CA GLN A 49 -5.30 -14.65 -10.58
C GLN A 49 -4.00 -14.04 -11.07
N GLU A 50 -4.05 -12.80 -11.56
CA GLU A 50 -2.84 -12.11 -11.97
C GLU A 50 -1.86 -11.99 -10.81
N MET A 51 -2.35 -11.88 -9.58
CA MET A 51 -1.47 -11.80 -8.44
C MET A 51 -0.79 -13.14 -8.17
N ASN A 52 -1.46 -14.25 -8.49
CA ASN A 52 -0.83 -15.55 -8.36
C ASN A 52 0.28 -15.74 -9.38
N THR A 53 0.12 -15.19 -10.59
CA THR A 53 1.19 -15.24 -11.57
C THR A 53 2.39 -14.44 -11.13
N LEU A 54 2.18 -13.42 -10.28
CA LEU A 54 3.28 -12.64 -9.77
C LEU A 54 4.02 -13.39 -8.65
N PHE A 55 3.28 -14.07 -7.77
CA PHE A 55 3.91 -14.97 -6.82
C PHE A 55 4.79 -15.98 -7.54
N ARG A 56 4.27 -16.57 -8.62
CA ARG A 56 5.04 -17.56 -9.36
C ARG A 56 6.28 -16.92 -10.00
N PHE A 57 6.11 -15.76 -10.64
CA PHE A 57 7.24 -15.11 -11.27
C PHE A 57 8.35 -14.82 -10.26
N TRP A 58 7.99 -14.29 -9.09
CA TRP A 58 8.98 -14.02 -8.06
C TRP A 58 9.70 -15.29 -7.63
N SER A 59 8.98 -16.40 -7.56
CA SER A 59 9.58 -17.64 -7.05
C SER A 59 10.77 -18.07 -7.89
N TYR A 60 10.73 -17.84 -9.21
CA TYR A 60 11.84 -18.23 -10.09
C TYR A 60 12.82 -17.10 -10.32
N PHE A 61 12.33 -15.89 -10.60
CA PHE A 61 13.21 -14.77 -10.90
C PHE A 61 14.22 -14.54 -9.78
N LEU A 62 13.76 -14.56 -8.53
CA LEU A 62 14.64 -14.28 -7.40
C LEU A 62 15.73 -15.32 -7.22
N GLU A 63 15.63 -16.48 -7.84
CA GLU A 63 16.68 -17.49 -7.72
C GLU A 63 18.00 -16.96 -8.29
N ASP A 64 17.99 -16.57 -9.56
CA ASP A 64 19.19 -16.09 -10.24
C ASP A 64 19.23 -14.57 -10.37
N HIS A 65 18.24 -13.87 -9.86
CA HIS A 65 18.20 -12.41 -9.93
C HIS A 65 17.66 -11.85 -8.61
N PHE A 66 18.28 -12.24 -7.50
CA PHE A 66 17.77 -11.84 -6.20
C PHE A 66 17.76 -10.32 -6.06
N ASN A 67 16.59 -9.78 -5.76
CA ASN A 67 16.41 -8.38 -5.43
C ASN A 67 15.78 -8.27 -4.04
N LYS A 68 16.40 -7.48 -3.18
CA LYS A 68 15.89 -7.35 -1.81
C LYS A 68 14.49 -6.75 -1.80
N LYS A 69 14.28 -5.69 -2.59
CA LYS A 69 12.97 -5.06 -2.64
C LYS A 69 11.89 -6.05 -3.08
N MET A 70 12.14 -6.77 -4.17
CA MET A 70 11.18 -7.77 -4.63
C MET A 70 10.95 -8.84 -3.59
N TYR A 71 12.03 -9.30 -2.93
CA TYR A 71 11.89 -10.38 -1.97
C TYR A 71 11.06 -9.97 -0.76
N GLU A 72 11.30 -8.78 -0.22
CA GLU A 72 10.55 -8.32 0.94
C GLU A 72 9.07 -8.16 0.59
N GLU A 73 8.77 -7.68 -0.62
CA GLU A 73 7.38 -7.57 -1.06
C GLU A 73 6.78 -8.95 -1.30
N PHE A 74 7.54 -9.85 -1.92
CA PHE A 74 7.10 -11.23 -2.10
C PHE A 74 6.70 -11.84 -0.75
N LYS A 75 7.57 -11.74 0.25
CA LYS A 75 7.31 -12.37 1.53
C LYS A 75 6.14 -11.72 2.25
N GLN A 76 6.08 -10.38 2.25
CA GLN A 76 5.00 -9.69 2.93
C GLN A 76 3.64 -10.11 2.37
N LEU A 77 3.49 -10.03 1.05
CA LEU A 77 2.19 -10.33 0.44
C LEU A 77 1.84 -11.81 0.60
N ALA A 78 2.82 -12.69 0.50
CA ALA A 78 2.56 -14.11 0.69
C ALA A 78 2.03 -14.39 2.10
N LEU A 79 2.63 -13.75 3.11
CA LEU A 79 2.17 -13.95 4.48
C LEU A 79 0.79 -13.34 4.71
N GLU A 80 0.49 -12.22 4.06
CA GLU A 80 -0.85 -11.65 4.14
C GLU A 80 -1.88 -12.66 3.64
N ASP A 81 -1.73 -13.12 2.39
CA ASP A 81 -2.65 -14.11 1.85
C ASP A 81 -2.77 -15.31 2.78
N ALA A 82 -1.65 -15.79 3.32
CA ALA A 82 -1.69 -16.99 4.16
C ALA A 82 -2.45 -16.75 5.45
N LYS A 83 -2.40 -15.53 5.99
CA LYS A 83 -3.11 -15.25 7.23
C LYS A 83 -4.62 -15.32 7.07
N GLU A 84 -5.11 -15.26 5.84
CA GLU A 84 -6.54 -15.38 5.55
C GLU A 84 -6.91 -16.72 4.95
N GLY A 85 -5.94 -17.64 4.78
CA GLY A 85 -6.23 -18.97 4.28
C GLY A 85 -5.83 -19.21 2.84
N TYR A 86 -5.36 -18.18 2.13
CA TYR A 86 -4.91 -18.33 0.75
C TYR A 86 -3.41 -18.55 0.76
N ARG A 87 -2.97 -19.75 0.38
CA ARG A 87 -1.61 -20.18 0.65
C ARG A 87 -0.73 -20.25 -0.59
N TYR A 88 -1.25 -20.02 -1.79
CA TYR A 88 -0.41 -20.16 -2.98
C TYR A 88 0.82 -19.26 -2.89
N GLY A 89 0.65 -18.02 -2.42
CA GLY A 89 1.79 -17.15 -2.25
C GLY A 89 2.83 -17.74 -1.32
N LEU A 90 2.40 -18.18 -0.14
CA LEU A 90 3.33 -18.78 0.81
C LEU A 90 3.92 -20.08 0.27
N GLU A 91 3.15 -20.82 -0.54
CA GLU A 91 3.68 -22.02 -1.17
C GLU A 91 4.79 -21.66 -2.16
N CYS A 92 4.56 -20.64 -2.99
CA CYS A 92 5.60 -20.16 -3.90
C CYS A 92 6.84 -19.73 -3.12
N LEU A 93 6.63 -19.12 -1.94
CA LEU A 93 7.75 -18.66 -1.14
C LEU A 93 8.61 -19.83 -0.67
N PHE A 94 7.97 -20.85 -0.10
CA PHE A 94 8.71 -22.02 0.35
C PHE A 94 9.41 -22.71 -0.82
N ARG A 95 8.80 -22.69 -2.00
CA ARG A 95 9.47 -23.24 -3.18
C ARG A 95 10.73 -22.44 -3.52
N TYR A 96 10.62 -21.11 -3.53
CA TYR A 96 11.81 -20.29 -3.76
C TYR A 96 12.87 -20.58 -2.70
N TYR A 97 12.46 -20.70 -1.45
CA TYR A 97 13.41 -21.08 -0.39
C TYR A 97 14.09 -22.40 -0.72
N SER A 98 13.30 -23.45 -0.92
CA SER A 98 13.87 -24.79 -1.01
C SER A 98 14.80 -24.92 -2.21
N TYR A 99 14.37 -24.44 -3.37
CA TYR A 99 15.18 -24.55 -4.59
C TYR A 99 16.15 -23.39 -4.75
N GLY A 100 15.78 -22.19 -4.33
CA GLY A 100 16.68 -21.06 -4.48
C GLY A 100 17.93 -21.17 -3.62
N LEU A 101 17.77 -21.61 -2.38
CA LEU A 101 18.93 -21.77 -1.50
C LEU A 101 19.80 -22.94 -1.93
N GLU A 102 19.21 -23.92 -2.62
CA GLU A 102 20.01 -25.03 -3.15
C GLU A 102 20.96 -24.55 -4.25
N LYS A 103 20.53 -23.56 -5.03
CA LYS A 103 21.38 -23.04 -6.11
C LYS A 103 22.36 -22.00 -5.60
N LYS A 104 21.86 -20.97 -4.92
CA LYS A 104 22.69 -19.92 -4.35
C LYS A 104 22.31 -19.77 -2.87
N PHE A 105 23.18 -20.23 -1.99
CA PHE A 105 22.91 -20.20 -0.56
C PHE A 105 23.18 -18.81 0.00
N ARG A 106 22.25 -18.30 0.79
CA ARG A 106 22.40 -17.02 1.48
CA ARG A 106 22.40 -17.03 1.48
C ARG A 106 21.98 -17.20 2.92
N LEU A 107 22.86 -16.82 3.86
CA LEU A 107 22.58 -17.03 5.27
C LEU A 107 21.33 -16.28 5.71
N ASP A 108 21.17 -15.03 5.28
CA ASP A 108 20.02 -14.24 5.71
C ASP A 108 18.71 -14.81 5.18
N ILE A 109 18.73 -15.35 3.96
CA ILE A 109 17.54 -15.98 3.42
C ILE A 109 17.31 -17.33 4.06
N PHE A 110 18.38 -18.02 4.45
CA PHE A 110 18.23 -19.31 5.15
C PHE A 110 17.55 -19.13 6.49
N LYS A 111 17.82 -18.01 7.18
CA LYS A 111 17.19 -17.77 8.47
C LYS A 111 15.71 -17.42 8.30
N ASP A 112 15.39 -16.58 7.31
CA ASP A 112 13.99 -16.36 6.96
C ASP A 112 13.30 -17.69 6.68
N PHE A 113 13.98 -18.58 5.96
CA PHE A 113 13.41 -19.90 5.66
C PHE A 113 13.04 -20.63 6.94
N GLN A 114 13.94 -20.64 7.92
CA GLN A 114 13.66 -21.31 9.19
C GLN A 114 12.51 -20.63 9.92
N GLU A 115 12.56 -19.30 10.03
CA GLU A 115 11.51 -18.56 10.72
C GLU A 115 10.13 -18.90 10.15
N GLU A 116 10.00 -18.82 8.83
CA GLU A 116 8.70 -19.06 8.21
C GLU A 116 8.28 -20.52 8.31
N THR A 117 9.25 -21.45 8.27
CA THR A 117 8.92 -22.86 8.42
C THR A 117 8.35 -23.14 9.82
N VAL A 118 8.98 -22.58 10.85
CA VAL A 118 8.46 -22.71 12.21
C VAL A 118 7.05 -22.15 12.28
N LYS A 119 6.84 -20.96 11.73
CA LYS A 119 5.52 -20.35 11.76
C LYS A 119 4.50 -21.22 11.03
N ASP A 120 4.90 -21.81 9.90
CA ASP A 120 3.97 -22.65 9.15
C ASP A 120 3.58 -23.89 9.93
N TYR A 121 4.55 -24.55 10.57
CA TYR A 121 4.25 -25.76 11.33
C TYR A 121 3.41 -25.44 12.56
N GLU A 122 3.74 -24.35 13.27
CA GLU A 122 2.96 -23.97 14.43
C GLU A 122 1.54 -23.56 14.08
N ALA A 123 1.28 -23.24 12.81
CA ALA A 123 -0.06 -22.97 12.34
C ALA A 123 -0.78 -24.23 11.87
N GLY A 124 -0.21 -25.41 12.13
CA GLY A 124 -0.84 -26.66 11.77
C GLY A 124 -0.61 -27.12 10.35
N GLN A 125 0.41 -26.59 9.68
CA GLN A 125 0.71 -26.95 8.30
C GLN A 125 1.98 -27.79 8.24
N LEU A 126 2.13 -28.51 7.13
CA LEU A 126 3.33 -29.29 6.87
C LEU A 126 3.98 -29.00 5.53
N TYR A 127 3.36 -28.20 4.66
CA TYR A 127 3.96 -27.89 3.38
C TYR A 127 5.34 -27.27 3.55
N GLY A 128 5.43 -26.24 4.40
CA GLY A 128 6.71 -25.59 4.62
C GLY A 128 7.74 -26.52 5.23
N LEU A 129 7.32 -27.34 6.19
CA LEU A 129 8.26 -28.23 6.85
C LEU A 129 8.80 -29.28 5.89
N GLU A 130 7.97 -29.78 4.98
CA GLU A 130 8.44 -30.72 3.97
C GLU A 130 9.46 -30.06 3.05
N LYS A 131 9.23 -28.80 2.67
CA LYS A 131 10.16 -28.12 1.77
C LYS A 131 11.49 -27.83 2.46
N PHE A 132 11.48 -27.55 3.76
CA PHE A 132 12.74 -27.38 4.47
C PHE A 132 13.46 -28.71 4.62
N TRP A 133 12.74 -29.75 5.01
CA TRP A 133 13.32 -31.10 5.02
C TRP A 133 13.89 -31.46 3.66
N ALA A 134 13.15 -31.14 2.59
CA ALA A 134 13.64 -31.44 1.25
C ALA A 134 14.92 -30.68 0.95
N PHE A 135 15.03 -29.44 1.43
CA PHE A 135 16.25 -28.67 1.20
C PHE A 135 17.45 -29.34 1.86
N LEU A 136 17.33 -29.69 3.14
CA LEU A 136 18.42 -30.39 3.82
C LEU A 136 18.77 -31.70 3.11
N LYS A 137 17.79 -32.33 2.48
CA LYS A 137 18.00 -33.63 1.87
C LYS A 137 18.75 -33.55 0.55
N TYR A 138 18.54 -32.49 -0.23
CA TYR A 138 19.15 -32.36 -1.55
C TYR A 138 20.35 -31.43 -1.57
N SER A 139 20.36 -30.36 -0.76
CA SER A 139 21.51 -29.48 -0.74
C SER A 139 22.72 -30.16 -0.10
N LYS A 140 22.48 -31.15 0.77
CA LYS A 140 23.50 -31.88 1.50
C LYS A 140 24.45 -30.98 2.28
N ALA A 141 24.07 -29.71 2.50
CA ALA A 141 24.91 -28.81 3.28
C ALA A 141 24.98 -29.30 4.72
N LYS A 142 26.20 -29.52 5.21
CA LYS A 142 26.42 -30.02 6.56
C LYS A 142 26.73 -28.88 7.52
N ASN A 143 26.67 -29.20 8.81
CA ASN A 143 26.97 -28.23 9.87
C ASN A 143 26.10 -26.98 9.73
N LEU A 144 24.84 -27.16 9.36
CA LEU A 144 23.90 -26.05 9.32
C LEU A 144 23.34 -25.79 10.71
N ASP A 145 23.47 -24.55 11.17
CA ASP A 145 22.97 -24.15 12.49
C ASP A 145 21.45 -24.00 12.38
N ILE A 146 20.73 -25.01 12.89
CA ILE A 146 19.28 -25.06 12.77
C ILE A 146 18.67 -24.62 14.10
N ASP A 147 17.60 -23.82 14.02
CA ASP A 147 16.94 -23.33 15.22
C ASP A 147 16.50 -24.51 16.08
N PRO A 148 16.75 -24.47 17.40
CA PRO A 148 16.34 -25.61 18.26
C PRO A 148 14.89 -26.04 18.04
N LYS A 149 13.96 -25.09 17.95
CA LYS A 149 12.56 -25.47 17.73
C LYS A 149 12.40 -26.23 16.43
N LEU A 150 13.08 -25.79 15.37
CA LEU A 150 12.92 -26.45 14.07
C LEU A 150 13.53 -27.85 14.07
N GLN A 151 14.54 -28.09 14.91
CA GLN A 151 15.08 -29.45 15.04
C GLN A 151 14.03 -30.40 15.60
N GLU A 152 13.29 -29.95 16.61
CA GLU A 152 12.24 -30.79 17.18
C GLU A 152 11.16 -31.10 16.15
N TYR A 153 10.72 -30.08 15.41
CA TYR A 153 9.68 -30.30 14.40
C TYR A 153 10.17 -31.21 13.29
N LEU A 154 11.40 -31.02 12.82
CA LEU A 154 11.97 -31.91 11.84
C LEU A 154 12.01 -33.35 12.36
N GLY A 155 12.34 -33.52 13.64
CA GLY A 155 12.30 -34.85 14.22
C GLY A 155 10.92 -35.48 14.11
N LYS A 156 9.89 -34.70 14.45
CA LYS A 156 8.52 -35.20 14.31
C LYS A 156 8.19 -35.50 12.86
N PHE A 157 8.80 -34.77 11.91
CA PHE A 157 8.49 -34.97 10.50
C PHE A 157 9.24 -36.16 9.92
N ARG A 158 10.49 -36.37 10.34
CA ARG A 158 11.21 -37.56 9.91
C ARG A 158 10.49 -38.82 10.34
N ARG A 159 9.95 -38.81 11.57
CA ARG A 159 9.10 -39.91 12.01
C ARG A 159 7.87 -40.06 11.12
N LEU A 160 7.37 -38.95 10.58
CA LEU A 160 6.22 -38.99 9.68
C LEU A 160 6.63 -39.42 8.28
N GLU A 161 7.70 -38.84 7.75
CA GLU A 161 8.14 -39.13 6.39
C GLU A 161 9.18 -40.25 6.39
N GLN B 12 -27.06 -22.34 13.94
CA GLN B 12 -26.43 -22.78 12.70
C GLN B 12 -25.94 -21.58 11.88
N HIS B 13 -26.49 -20.41 12.17
CA HIS B 13 -26.11 -19.21 11.44
C HIS B 13 -24.62 -18.93 11.65
N PRO B 14 -23.89 -18.51 10.61
CA PRO B 14 -22.45 -18.29 10.78
C PRO B 14 -22.09 -17.35 11.92
N SER B 15 -22.91 -16.33 12.17
CA SER B 15 -22.60 -15.39 13.24
C SER B 15 -22.48 -16.10 14.58
N HIS B 16 -23.41 -17.02 14.88
CA HIS B 16 -23.35 -17.75 16.14
C HIS B 16 -22.16 -18.71 16.16
N GLU B 17 -21.87 -19.36 15.03
CA GLU B 17 -20.76 -20.29 14.99
C GLU B 17 -19.41 -19.57 15.14
N LEU B 18 -19.24 -18.46 14.42
CA LEU B 18 -17.96 -17.74 14.45
C LEU B 18 -17.67 -17.13 15.81
N LEU B 19 -18.70 -16.86 16.62
CA LEU B 19 -18.52 -16.26 17.93
C LEU B 19 -18.25 -17.27 19.03
N LYS B 20 -18.42 -18.57 18.76
CA LYS B 20 -18.13 -19.58 19.76
C LYS B 20 -16.66 -19.50 20.19
N GLU B 21 -16.39 -19.97 21.41
CA GLU B 21 -15.03 -20.01 21.93
C GLU B 21 -14.14 -20.81 20.98
N ASN B 22 -13.20 -20.12 20.32
CA ASN B 22 -12.31 -20.76 19.36
C ASN B 22 -13.11 -21.44 18.24
N GLY B 23 -14.09 -20.71 17.72
CA GLY B 23 -14.97 -21.25 16.69
C GLY B 23 -14.94 -20.47 15.39
N PHE B 24 -13.95 -19.58 15.25
CA PHE B 24 -13.82 -18.76 14.05
C PHE B 24 -12.95 -19.47 13.02
N THR B 25 -13.40 -19.45 11.77
CA THR B 25 -12.66 -20.05 10.66
C THR B 25 -12.68 -19.09 9.48
N GLN B 26 -11.53 -18.94 8.82
CA GLN B 26 -11.45 -18.07 7.66
C GLN B 26 -12.40 -18.50 6.56
N HIS B 27 -12.64 -19.81 6.43
CA HIS B 27 -13.52 -20.29 5.35
C HIS B 27 -14.96 -19.84 5.57
N VAL B 28 -15.50 -20.09 6.76
CA VAL B 28 -16.89 -19.74 7.03
C VAL B 28 -17.08 -18.23 6.98
N TYR B 29 -16.10 -17.48 7.49
CA TYR B 29 -16.24 -16.02 7.54
C TYR B 29 -16.28 -15.42 6.15
N HIS B 30 -15.35 -15.83 5.28
CA HIS B 30 -15.28 -15.24 3.95
C HIS B 30 -16.57 -15.43 3.18
N LYS B 31 -17.12 -16.65 3.21
CA LYS B 31 -18.41 -16.89 2.54
C LYS B 31 -19.52 -16.10 3.21
N TYR B 32 -19.45 -15.97 4.54
CA TYR B 32 -20.47 -15.22 5.28
C TYR B 32 -20.35 -13.73 4.99
N ARG B 33 -19.14 -13.17 5.17
CA ARG B 33 -18.92 -11.76 4.85
C ARG B 33 -19.37 -11.45 3.43
N ARG B 34 -18.94 -12.27 2.46
CA ARG B 34 -19.26 -12.00 1.06
C ARG B 34 -20.77 -12.00 0.83
N ARG B 35 -21.48 -12.93 1.47
CA ARG B 35 -22.92 -12.99 1.30
C ARG B 35 -23.60 -11.75 1.85
N CYS B 36 -23.12 -11.25 2.99
CA CYS B 36 -23.72 -10.05 3.58
C CYS B 36 -23.49 -8.83 2.70
N LEU B 37 -22.25 -8.64 2.24
CA LEU B 37 -21.95 -7.47 1.42
C LEU B 37 -22.70 -7.52 0.10
N ASN B 38 -22.78 -8.68 -0.54
N ASN B 38 -22.78 -8.68 -0.54
CA ASN B 38 -23.52 -8.79 -1.79
CA ASN B 38 -23.53 -8.81 -1.79
C ASN B 38 -25.00 -8.46 -1.60
C ASN B 38 -24.99 -8.43 -1.58
N GLU B 39 -25.55 -8.79 -0.43
CA GLU B 39 -26.95 -8.47 -0.15
C GLU B 39 -27.11 -6.97 0.13
N ARG B 40 -26.15 -6.39 0.86
CA ARG B 40 -26.14 -4.94 1.04
C ARG B 40 -26.16 -4.22 -0.30
N LYS B 41 -25.32 -4.67 -1.24
CA LYS B 41 -25.29 -4.07 -2.56
C LYS B 41 -26.59 -4.34 -3.31
N ARG B 42 -27.14 -5.55 -3.17
CA ARG B 42 -28.30 -5.95 -3.96
C ARG B 42 -29.58 -5.30 -3.44
N LEU B 43 -29.80 -5.32 -2.12
CA LEU B 43 -31.02 -4.78 -1.55
C LEU B 43 -30.91 -3.30 -1.22
N GLY B 44 -29.72 -2.82 -0.89
CA GLY B 44 -29.51 -1.42 -0.58
C GLY B 44 -29.09 -1.21 0.87
N ILE B 45 -28.49 -0.04 1.11
CA ILE B 45 -28.03 0.30 2.45
C ILE B 45 -29.21 0.25 3.42
N GLY B 46 -28.98 -0.35 4.59
CA GLY B 46 -30.00 -0.46 5.61
C GLY B 46 -31.15 -1.40 5.26
N GLN B 47 -31.09 -2.07 4.11
CA GLN B 47 -32.16 -2.97 3.68
C GLN B 47 -31.83 -4.44 3.90
N SER B 48 -30.63 -4.74 4.40
CA SER B 48 -30.15 -6.12 4.54
C SER B 48 -30.01 -6.45 6.02
N GLN B 49 -30.88 -7.32 6.52
CA GLN B 49 -30.72 -7.84 7.87
C GLN B 49 -29.48 -8.72 7.99
N GLU B 50 -29.13 -9.43 6.92
CA GLU B 50 -27.88 -10.17 6.91
C GLU B 50 -26.71 -9.25 7.19
N MET B 51 -26.69 -8.09 6.54
CA MET B 51 -25.63 -7.11 6.81
C MET B 51 -25.67 -6.67 8.28
N ASN B 52 -26.85 -6.61 8.88
CA ASN B 52 -26.94 -6.24 10.29
C ASN B 52 -26.33 -7.30 11.20
N THR B 53 -26.41 -8.58 10.82
CA THR B 53 -25.77 -9.61 11.64
C THR B 53 -24.25 -9.49 11.57
N LEU B 54 -23.71 -9.10 10.41
CA LEU B 54 -22.28 -8.91 10.30
C LEU B 54 -21.81 -7.74 11.18
N PHE B 55 -22.54 -6.62 11.13
CA PHE B 55 -22.26 -5.52 12.06
C PHE B 55 -22.20 -6.03 13.49
N ARG B 56 -23.17 -6.87 13.89
CA ARG B 56 -23.18 -7.40 15.24
C ARG B 56 -21.97 -8.29 15.48
N PHE B 57 -21.61 -9.12 14.50
CA PHE B 57 -20.47 -10.02 14.68
C PHE B 57 -19.19 -9.23 14.93
N TRP B 58 -18.96 -8.16 14.18
CA TRP B 58 -17.75 -7.37 14.35
C TRP B 58 -17.70 -6.71 15.71
N SER B 59 -18.84 -6.18 16.19
CA SER B 59 -18.85 -5.49 17.47
C SER B 59 -18.44 -6.41 18.61
N TYR B 60 -18.78 -7.69 18.54
CA TYR B 60 -18.36 -8.65 19.55
C TYR B 60 -16.99 -9.24 19.23
N PHE B 61 -16.77 -9.65 17.97
CA PHE B 61 -15.55 -10.36 17.64
C PHE B 61 -14.31 -9.50 17.89
N LEU B 62 -14.34 -8.23 17.47
CA LEU B 62 -13.18 -7.38 17.61
C LEU B 62 -12.88 -7.04 19.06
N GLU B 63 -13.84 -7.23 19.98
CA GLU B 63 -13.57 -6.96 21.39
C GLU B 63 -12.45 -7.83 21.93
N ASP B 64 -12.29 -9.04 21.39
CA ASP B 64 -11.27 -9.97 21.88
C ASP B 64 -10.30 -10.44 20.80
N HIS B 65 -10.62 -10.26 19.52
CA HIS B 65 -9.75 -10.65 18.41
C HIS B 65 -9.62 -9.46 17.47
N PHE B 66 -8.84 -8.46 17.88
CA PHE B 66 -8.71 -7.25 17.08
C PHE B 66 -8.07 -7.57 15.73
N ASN B 67 -8.67 -7.02 14.67
CA ASN B 67 -8.12 -7.09 13.33
C ASN B 67 -8.35 -5.73 12.68
N LYS B 68 -7.27 -5.13 12.19
CA LYS B 68 -7.38 -3.78 11.63
C LYS B 68 -8.25 -3.77 10.39
N LYS B 69 -8.09 -4.77 9.51
CA LYS B 69 -8.90 -4.81 8.29
C LYS B 69 -10.38 -4.94 8.61
N MET B 70 -10.73 -5.90 9.47
CA MET B 70 -12.12 -6.02 9.90
C MET B 70 -12.61 -4.72 10.53
N TYR B 71 -11.75 -4.04 11.27
CA TYR B 71 -12.16 -2.84 11.98
C TYR B 71 -12.40 -1.68 11.00
N GLU B 72 -11.40 -1.37 10.17
CA GLU B 72 -11.56 -0.29 9.21
C GLU B 72 -12.79 -0.51 8.33
N GLU B 73 -13.01 -1.76 7.89
CA GLU B 73 -14.19 -2.06 7.09
C GLU B 73 -15.45 -1.94 7.91
N PHE B 74 -15.40 -2.33 9.19
CA PHE B 74 -16.54 -2.15 10.08
C PHE B 74 -16.84 -0.66 10.27
N LYS B 75 -15.81 0.13 10.56
CA LYS B 75 -16.00 1.56 10.81
C LYS B 75 -16.48 2.29 9.55
N GLN B 76 -16.04 1.85 8.37
CA GLN B 76 -16.39 2.55 7.14
C GLN B 76 -17.85 2.27 6.76
N LEU B 77 -18.26 1.01 6.78
CA LEU B 77 -19.63 0.68 6.42
C LEU B 77 -20.62 1.21 7.45
N ALA B 78 -20.22 1.26 8.73
CA ALA B 78 -21.11 1.82 9.75
C ALA B 78 -21.36 3.30 9.49
N LEU B 79 -20.33 4.04 9.11
CA LEU B 79 -20.51 5.47 8.80
C LEU B 79 -21.30 5.65 7.52
N GLU B 80 -21.05 4.81 6.51
CA GLU B 80 -21.81 4.88 5.28
C GLU B 80 -23.30 4.70 5.54
N ASP B 81 -23.65 3.73 6.41
CA ASP B 81 -25.05 3.52 6.74
C ASP B 81 -25.64 4.72 7.49
N ALA B 82 -24.90 5.26 8.46
CA ALA B 82 -25.43 6.36 9.25
C ALA B 82 -25.65 7.61 8.41
N LYS B 83 -24.82 7.82 7.38
CA LYS B 83 -25.05 8.96 6.49
C LYS B 83 -26.43 8.92 5.85
N GLU B 84 -27.06 7.76 5.79
CA GLU B 84 -28.41 7.64 5.25
C GLU B 84 -29.45 7.44 6.33
N GLY B 85 -29.08 7.60 7.60
CA GLY B 85 -30.02 7.53 8.69
C GLY B 85 -30.14 6.19 9.38
N TYR B 86 -29.38 5.18 8.94
CA TYR B 86 -29.48 3.83 9.49
C TYR B 86 -28.41 3.67 10.57
N ARG B 87 -28.85 3.47 11.81
CA ARG B 87 -27.99 3.63 12.97
C ARG B 87 -27.35 2.34 13.47
N TYR B 88 -27.89 1.17 13.14
CA TYR B 88 -27.46 -0.04 13.82
C TYR B 88 -25.97 -0.31 13.62
N GLY B 89 -25.44 -0.01 12.43
CA GLY B 89 -24.02 -0.20 12.21
C GLY B 89 -23.18 0.63 13.14
N LEU B 90 -23.52 1.92 13.26
CA LEU B 90 -22.75 2.82 14.13
C LEU B 90 -23.02 2.51 15.59
N GLU B 91 -24.25 2.15 15.95
CA GLU B 91 -24.54 1.73 17.31
C GLU B 91 -23.70 0.53 17.70
N CYS B 92 -23.57 -0.45 16.79
CA CYS B 92 -22.68 -1.57 17.05
C CYS B 92 -21.25 -1.08 17.22
N LEU B 93 -20.84 -0.08 16.45
CA LEU B 93 -19.48 0.45 16.56
C LEU B 93 -19.24 1.09 17.92
N PHE B 94 -20.18 1.92 18.37
CA PHE B 94 -20.00 2.57 19.67
C PHE B 94 -19.98 1.57 20.80
N ARG B 95 -20.65 0.43 20.65
CA ARG B 95 -20.63 -0.60 21.68
C ARG B 95 -19.31 -1.35 21.68
N TYR B 96 -18.72 -1.58 20.49
CA TYR B 96 -17.37 -2.10 20.43
C TYR B 96 -16.40 -1.17 21.15
N TYR B 97 -16.52 0.13 20.92
CA TYR B 97 -15.69 1.11 21.62
C TYR B 97 -15.84 0.97 23.13
N SER B 98 -17.06 1.21 23.64
CA SER B 98 -17.26 1.29 25.08
C SER B 98 -16.85 0.00 25.79
N TYR B 99 -17.36 -1.13 25.32
CA TYR B 99 -17.07 -2.40 25.97
C TYR B 99 -15.67 -2.90 25.63
N GLY B 100 -15.24 -2.72 24.37
CA GLY B 100 -13.97 -3.27 23.95
C GLY B 100 -12.78 -2.64 24.64
N LEU B 101 -12.77 -1.31 24.72
CA LEU B 101 -11.63 -0.62 25.30
C LEU B 101 -11.47 -0.90 26.79
N GLU B 102 -12.56 -1.20 27.48
CA GLU B 102 -12.46 -1.56 28.89
C GLU B 102 -11.70 -2.88 29.05
N LYS B 103 -11.89 -3.81 28.12
CA LYS B 103 -11.16 -5.07 28.14
C LYS B 103 -9.71 -4.85 27.75
N LYS B 104 -9.47 -4.59 26.47
CA LYS B 104 -8.15 -4.33 25.93
C LYS B 104 -8.13 -2.92 25.35
N PHE B 105 -7.36 -2.03 25.96
CA PHE B 105 -7.30 -0.64 25.55
C PHE B 105 -6.22 -0.44 24.49
N ARG B 106 -6.50 0.45 23.54
CA ARG B 106 -5.56 0.80 22.48
CA ARG B 106 -5.55 0.80 22.49
C ARG B 106 -5.68 2.29 22.19
N LEU B 107 -4.53 2.94 22.00
CA LEU B 107 -4.52 4.39 21.80
C LEU B 107 -5.27 4.78 20.52
N ASP B 108 -4.88 4.19 19.39
CA ASP B 108 -5.45 4.61 18.11
C ASP B 108 -6.96 4.38 18.07
N ILE B 109 -7.43 3.28 18.65
CA ILE B 109 -8.88 3.02 18.66
C ILE B 109 -9.59 4.01 19.57
N PHE B 110 -8.95 4.39 20.68
CA PHE B 110 -9.56 5.37 21.58
C PHE B 110 -9.63 6.74 20.94
N LYS B 111 -8.66 7.09 20.09
CA LYS B 111 -8.73 8.36 19.36
C LYS B 111 -9.89 8.35 18.39
N ASP B 112 -10.11 7.24 17.68
CA ASP B 112 -11.25 7.14 16.78
C ASP B 112 -12.56 7.25 17.55
N PHE B 113 -12.63 6.64 18.73
CA PHE B 113 -13.82 6.74 19.56
C PHE B 113 -14.22 8.20 19.76
N GLN B 114 -13.26 9.04 20.14
CA GLN B 114 -13.55 10.46 20.35
C GLN B 114 -13.96 11.13 19.04
N GLU B 115 -13.21 10.86 17.97
CA GLU B 115 -13.52 11.47 16.68
C GLU B 115 -14.96 11.20 16.27
N GLU B 116 -15.40 9.94 16.40
CA GLU B 116 -16.75 9.57 16.00
C GLU B 116 -17.78 10.05 17.01
N THR B 117 -17.46 10.01 18.30
CA THR B 117 -18.37 10.53 19.31
C THR B 117 -18.64 12.01 19.08
N VAL B 118 -17.61 12.78 18.73
CA VAL B 118 -17.81 14.18 18.41
C VAL B 118 -18.75 14.33 17.22
N LYS B 119 -18.48 13.57 16.15
CA LYS B 119 -19.35 13.61 14.98
C LYS B 119 -20.78 13.24 15.35
N ASP B 120 -20.95 12.26 16.24
CA ASP B 120 -22.28 11.79 16.58
C ASP B 120 -23.03 12.83 17.40
N TYR B 121 -22.36 13.47 18.36
CA TYR B 121 -23.00 14.52 19.14
C TYR B 121 -23.30 15.74 18.29
N GLU B 122 -22.33 16.19 17.49
CA GLU B 122 -22.56 17.32 16.59
C GLU B 122 -23.63 17.01 15.55
N ALA B 123 -23.93 15.73 15.34
CA ALA B 123 -25.00 15.34 14.43
C ALA B 123 -26.37 15.30 15.10
N GLY B 124 -26.45 15.68 16.38
CA GLY B 124 -27.71 15.67 17.08
C GLY B 124 -28.05 14.38 17.78
N GLN B 125 -27.08 13.50 18.00
CA GLN B 125 -27.30 12.21 18.66
C GLN B 125 -26.62 12.22 20.02
N LEU B 126 -27.05 11.29 20.87
CA LEU B 126 -26.43 11.10 22.18
C LEU B 126 -26.05 9.66 22.47
N TYR B 127 -26.34 8.72 21.57
CA TYR B 127 -26.00 7.32 21.82
C TYR B 127 -24.50 7.16 21.98
N GLY B 128 -23.73 7.71 21.06
CA GLY B 128 -22.27 7.60 21.14
C GLY B 128 -21.73 8.24 22.40
N LEU B 129 -22.19 9.46 22.70
CA LEU B 129 -21.71 10.16 23.89
C LEU B 129 -21.98 9.35 25.15
N GLU B 130 -23.22 8.86 25.31
CA GLU B 130 -23.55 8.02 26.46
C GLU B 130 -22.60 6.84 26.56
N LYS B 131 -22.26 6.22 25.42
CA LYS B 131 -21.33 5.11 25.45
C LYS B 131 -19.92 5.56 25.83
N PHE B 132 -19.53 6.76 25.42
CA PHE B 132 -18.24 7.30 25.82
C PHE B 132 -18.23 7.66 27.29
N TRP B 133 -19.29 8.32 27.77
CA TRP B 133 -19.42 8.61 29.19
C TRP B 133 -19.39 7.33 30.02
N ALA B 134 -20.03 6.27 29.52
CA ALA B 134 -20.03 5.01 30.26
C ALA B 134 -18.63 4.41 30.32
N PHE B 135 -17.87 4.50 29.23
CA PHE B 135 -16.52 3.94 29.23
C PHE B 135 -15.65 4.59 30.31
N LEU B 136 -15.75 5.91 30.45
CA LEU B 136 -14.97 6.59 31.48
C LEU B 136 -15.39 6.16 32.88
N LYS B 137 -16.71 5.97 33.09
CA LYS B 137 -17.20 5.57 34.40
C LYS B 137 -16.53 4.30 34.90
N TYR B 138 -16.05 3.45 33.99
CA TYR B 138 -15.40 2.20 34.34
C TYR B 138 -13.96 2.26 33.87
N SER B 139 -13.02 2.15 34.81
CA SER B 139 -11.60 2.32 34.54
C SER B 139 -11.26 3.80 34.38
N LEU B 144 -5.52 9.43 30.11
CA LEU B 144 -6.70 10.19 30.49
C LEU B 144 -6.74 11.53 29.76
N ASP B 145 -6.31 11.53 28.50
CA ASP B 145 -6.25 12.74 27.68
C ASP B 145 -7.47 12.77 26.77
N ILE B 146 -8.42 13.65 27.08
CA ILE B 146 -9.65 13.77 26.32
C ILE B 146 -9.57 15.01 25.44
N ASP B 147 -10.17 14.92 24.26
CA ASP B 147 -10.21 16.06 23.36
C ASP B 147 -10.84 17.26 24.08
N PRO B 148 -10.30 18.47 23.88
CA PRO B 148 -10.87 19.62 24.61
C PRO B 148 -12.33 19.89 24.25
N LYS B 149 -12.67 19.88 22.97
CA LYS B 149 -14.05 20.12 22.57
C LYS B 149 -14.98 18.98 22.96
N LEU B 150 -14.45 17.77 23.13
CA LEU B 150 -15.29 16.66 23.58
C LEU B 150 -15.58 16.75 25.07
N GLN B 151 -14.57 17.08 25.87
CA GLN B 151 -14.80 17.31 27.30
C GLN B 151 -15.88 18.35 27.51
N GLU B 152 -15.92 19.37 26.65
CA GLU B 152 -17.01 20.34 26.70
C GLU B 152 -18.36 19.65 26.60
N TYR B 153 -18.49 18.68 25.68
CA TYR B 153 -19.75 17.96 25.52
C TYR B 153 -20.04 17.08 26.73
N LEU B 154 -19.02 16.39 27.25
CA LEU B 154 -19.23 15.55 28.43
C LEU B 154 -19.71 16.37 29.62
N GLY B 155 -19.27 17.63 29.72
CA GLY B 155 -19.71 18.46 30.83
C GLY B 155 -21.22 18.62 30.88
N LYS B 156 -21.84 18.81 29.71
CA LYS B 156 -23.29 18.98 29.67
C LYS B 156 -23.99 17.65 29.94
N PHE B 157 -23.62 16.60 29.22
CA PHE B 157 -24.26 15.30 29.41
C PHE B 157 -23.97 14.73 30.79
N ARG B 158 -22.85 15.13 31.41
CA ARG B 158 -22.52 14.62 32.74
C ARG B 158 -23.63 14.90 33.74
N ARG B 159 -24.34 16.02 33.57
CA ARG B 159 -25.45 16.36 34.45
C ARG B 159 -26.76 16.34 33.65
N HIS C 13 -1.20 22.32 -11.41
CA HIS C 13 -1.92 22.26 -12.67
C HIS C 13 -3.25 21.52 -12.48
N PRO C 14 -4.31 21.95 -13.17
CA PRO C 14 -5.62 21.30 -12.96
C PRO C 14 -5.61 19.80 -13.21
N SER C 15 -4.98 19.35 -14.30
CA SER C 15 -5.04 17.93 -14.66
C SER C 15 -4.50 17.06 -13.54
N HIS C 16 -3.46 17.51 -12.85
CA HIS C 16 -2.86 16.72 -11.77
C HIS C 16 -3.56 16.92 -10.44
N GLU C 17 -4.20 18.07 -10.24
CA GLU C 17 -4.93 18.32 -9.00
C GLU C 17 -6.39 17.89 -9.07
N LEU C 18 -7.00 17.96 -10.25
CA LEU C 18 -8.38 17.48 -10.40
C LEU C 18 -8.46 15.97 -10.27
N LEU C 19 -7.38 15.26 -10.63
CA LEU C 19 -7.36 13.81 -10.51
C LEU C 19 -7.07 13.33 -9.09
N LYS C 20 -6.74 14.24 -8.18
CA LYS C 20 -6.48 13.85 -6.79
C LYS C 20 -7.67 13.09 -6.22
N GLU C 21 -7.38 12.11 -5.38
CA GLU C 21 -8.42 11.30 -4.74
C GLU C 21 -9.32 12.17 -3.86
N PHE C 24 -11.60 17.15 -7.42
CA PHE C 24 -12.28 17.60 -8.63
C PHE C 24 -13.49 18.46 -8.30
N THR C 25 -13.45 19.71 -8.77
CA THR C 25 -14.53 20.67 -8.55
C THR C 25 -15.06 21.13 -9.89
N GLN C 26 -16.38 21.10 -10.05
CA GLN C 26 -17.00 21.54 -11.30
C GLN C 26 -16.66 22.99 -11.63
N HIS C 27 -16.33 23.81 -10.63
CA HIS C 27 -16.00 25.21 -10.89
C HIS C 27 -14.61 25.34 -11.51
N VAL C 28 -13.65 24.54 -11.05
CA VAL C 28 -12.29 24.62 -11.60
C VAL C 28 -12.22 23.92 -12.96
N TYR C 29 -13.08 22.93 -13.20
CA TYR C 29 -13.08 22.24 -14.49
C TYR C 29 -13.70 23.09 -15.59
N HIS C 30 -14.70 23.92 -15.26
CA HIS C 30 -15.28 24.81 -16.25
C HIS C 30 -14.21 25.69 -16.88
N LYS C 31 -13.27 26.19 -16.07
CA LYS C 31 -12.20 27.02 -16.59
C LYS C 31 -11.12 26.20 -17.26
N TYR C 32 -10.74 25.07 -16.67
CA TYR C 32 -9.74 24.19 -17.26
C TYR C 32 -10.14 23.83 -18.69
N ARG C 33 -11.32 23.23 -18.85
CA ARG C 33 -11.79 22.87 -20.19
C ARG C 33 -11.79 24.07 -21.11
N ARG C 34 -12.40 25.18 -20.66
CA ARG C 34 -12.57 26.33 -21.55
C ARG C 34 -11.23 26.85 -22.05
N ARG C 35 -10.20 26.82 -21.20
CA ARG C 35 -8.87 27.25 -21.64
C ARG C 35 -8.31 26.31 -22.70
N CYS C 36 -8.58 25.01 -22.56
CA CYS C 36 -8.02 24.03 -23.50
C CYS C 36 -8.70 24.13 -24.86
N LEU C 37 -10.03 24.15 -24.88
CA LEU C 37 -10.75 24.26 -26.15
C LEU C 37 -10.43 25.56 -26.86
N ASN C 38 -10.37 26.67 -26.11
CA ASN C 38 -10.03 27.96 -26.71
C ASN C 38 -8.66 27.90 -27.37
N GLU C 39 -7.65 27.44 -26.62
CA GLU C 39 -6.32 27.30 -27.19
C GLU C 39 -6.32 26.36 -28.38
N ARG C 40 -7.17 25.33 -28.37
CA ARG C 40 -7.25 24.41 -29.49
C ARG C 40 -7.72 25.12 -30.75
N LYS C 41 -8.88 25.79 -30.67
CA LYS C 41 -9.39 26.53 -31.83
C LYS C 41 -8.47 27.67 -32.22
N ARG C 42 -7.70 28.20 -31.28
CA ARG C 42 -6.81 29.32 -31.56
C ARG C 42 -5.57 28.86 -32.32
N LEU C 43 -4.79 27.96 -31.71
CA LEU C 43 -3.54 27.49 -32.29
C LEU C 43 -3.75 26.44 -33.37
N GLY C 44 -4.95 25.89 -33.50
CA GLY C 44 -5.22 24.86 -34.47
C GLY C 44 -5.19 23.47 -33.86
N ILE C 45 -5.73 22.50 -34.61
CA ILE C 45 -5.80 21.13 -34.13
C ILE C 45 -4.40 20.56 -33.98
N GLY C 46 -4.18 19.84 -32.88
CA GLY C 46 -2.91 19.19 -32.63
C GLY C 46 -1.77 20.11 -32.27
N GLN C 47 -2.02 21.42 -32.13
CA GLN C 47 -0.99 22.38 -31.79
C GLN C 47 -1.08 22.85 -30.34
N SER C 48 -2.11 22.45 -29.60
CA SER C 48 -2.33 22.88 -28.24
C SER C 48 -1.88 21.77 -27.28
N GLN C 49 -0.76 22.01 -26.58
CA GLN C 49 -0.32 21.05 -25.58
C GLN C 49 -1.21 21.08 -24.35
N GLU C 50 -1.86 22.21 -24.07
CA GLU C 50 -2.85 22.25 -23.01
C GLU C 50 -4.06 21.38 -23.36
N MET C 51 -4.42 21.30 -24.64
CA MET C 51 -5.50 20.42 -25.06
C MET C 51 -5.13 18.96 -24.82
N ASN C 52 -3.88 18.60 -25.10
CA ASN C 52 -3.44 17.22 -24.86
C ASN C 52 -3.57 16.83 -23.40
N THR C 53 -3.38 17.78 -22.48
CA THR C 53 -3.60 17.47 -21.07
C THR C 53 -5.06 17.18 -20.78
N LEU C 54 -5.98 17.81 -21.52
CA LEU C 54 -7.39 17.50 -21.37
C LEU C 54 -7.69 16.08 -21.85
N PHE C 55 -7.13 15.71 -23.01
CA PHE C 55 -7.27 14.33 -23.48
C PHE C 55 -6.75 13.34 -22.45
N ARG C 56 -5.61 13.66 -21.82
CA ARG C 56 -5.07 12.77 -20.78
C ARG C 56 -5.99 12.74 -19.56
N PHE C 57 -6.45 13.92 -19.11
CA PHE C 57 -7.34 13.98 -17.96
C PHE C 57 -8.57 13.12 -18.19
N TRP C 58 -9.27 13.33 -19.31
CA TRP C 58 -10.43 12.51 -19.63
C TRP C 58 -10.09 11.03 -19.61
N SER C 59 -8.94 10.66 -20.17
CA SER C 59 -8.58 9.25 -20.26
C SER C 59 -8.56 8.59 -18.89
N TYR C 60 -8.04 9.30 -17.87
CA TYR C 60 -7.97 8.76 -16.52
C TYR C 60 -9.26 9.00 -15.74
N PHE C 61 -9.84 10.20 -15.87
CA PHE C 61 -10.96 10.58 -15.01
C PHE C 61 -12.17 9.69 -15.24
N LEU C 62 -12.55 9.49 -16.50
CA LEU C 62 -13.77 8.75 -16.81
C LEU C 62 -13.72 7.29 -16.38
N GLU C 63 -12.54 6.77 -16.00
CA GLU C 63 -12.47 5.40 -15.53
C GLU C 63 -13.24 5.21 -14.23
N ASP C 64 -13.06 6.14 -13.29
CA ASP C 64 -13.68 6.04 -11.97
C ASP C 64 -14.77 7.08 -11.73
N HIS C 65 -14.95 8.06 -12.63
CA HIS C 65 -15.93 9.11 -12.47
C HIS C 65 -16.57 9.39 -13.84
N PHE C 66 -17.37 8.43 -14.31
CA PHE C 66 -17.93 8.52 -15.64
C PHE C 66 -18.87 9.72 -15.76
N ASN C 67 -18.94 10.28 -16.97
CA ASN C 67 -19.84 11.38 -17.27
C ASN C 67 -20.09 11.39 -18.77
N LYS C 68 -21.36 11.38 -19.16
CA LYS C 68 -21.70 11.19 -20.57
C LYS C 68 -21.38 12.43 -21.40
N LYS C 69 -21.66 13.62 -20.86
CA LYS C 69 -21.38 14.84 -21.62
C LYS C 69 -19.88 15.01 -21.86
N MET C 70 -19.05 14.56 -20.91
CA MET C 70 -17.61 14.60 -21.11
C MET C 70 -17.13 13.52 -22.06
N TYR C 71 -17.64 12.29 -21.91
CA TYR C 71 -17.23 11.21 -22.80
C TYR C 71 -17.55 11.53 -24.25
N GLU C 72 -18.78 11.97 -24.52
CA GLU C 72 -19.15 12.33 -25.88
C GLU C 72 -18.23 13.40 -26.43
N GLU C 73 -17.87 14.39 -25.60
CA GLU C 73 -16.94 15.42 -26.05
C GLU C 73 -15.54 14.84 -26.24
N PHE C 74 -15.11 13.96 -25.33
CA PHE C 74 -13.82 13.30 -25.48
C PHE C 74 -13.73 12.59 -26.83
N LYS C 75 -14.70 11.73 -27.13
CA LYS C 75 -14.64 10.94 -28.35
C LYS C 75 -14.67 11.83 -29.59
N GLN C 76 -15.61 12.77 -29.64
CA GLN C 76 -15.77 13.61 -30.83
C GLN C 76 -14.50 14.39 -31.12
N LEU C 77 -13.88 14.97 -30.10
CA LEU C 77 -12.65 15.73 -30.31
C LEU C 77 -11.50 14.81 -30.67
N ALA C 78 -11.40 13.64 -30.03
CA ALA C 78 -10.35 12.69 -30.37
C ALA C 78 -10.45 12.27 -31.83
N LEU C 79 -11.66 11.93 -32.28
CA LEU C 79 -11.84 11.52 -33.68
C LEU C 79 -11.58 12.68 -34.63
N GLU C 80 -11.95 13.89 -34.23
CA GLU C 80 -11.73 15.06 -35.08
C GLU C 80 -10.23 15.29 -35.30
N ASP C 81 -9.45 15.22 -34.22
CA ASP C 81 -8.00 15.38 -34.36
C ASP C 81 -7.40 14.24 -35.15
N ALA C 82 -7.86 13.01 -34.91
CA ALA C 82 -7.28 11.85 -35.58
C ALA C 82 -7.46 11.94 -37.09
N LYS C 83 -8.62 12.41 -37.55
CA LYS C 83 -8.84 12.55 -38.99
C LYS C 83 -7.90 13.59 -39.60
N GLU C 84 -7.38 14.51 -38.79
CA GLU C 84 -6.41 15.50 -39.24
C GLU C 84 -4.98 15.08 -38.99
N GLY C 85 -4.74 13.82 -38.63
CA GLY C 85 -3.40 13.30 -38.47
C GLY C 85 -2.82 13.39 -37.07
N TYR C 86 -3.58 13.86 -36.10
CA TYR C 86 -3.13 13.97 -34.71
C TYR C 86 -3.89 12.97 -33.88
N ARG C 87 -3.18 12.00 -33.30
CA ARG C 87 -3.80 10.80 -32.75
C ARG C 87 -3.65 10.68 -31.24
N TYR C 88 -3.10 11.69 -30.55
CA TYR C 88 -2.96 11.56 -29.11
C TYR C 88 -4.31 11.47 -28.42
N GLY C 89 -5.28 12.24 -28.88
CA GLY C 89 -6.61 12.16 -28.31
C GLY C 89 -7.24 10.79 -28.49
N LEU C 90 -7.10 10.22 -29.70
CA LEU C 90 -7.67 8.91 -29.96
C LEU C 90 -6.90 7.82 -29.21
N GLU C 91 -5.58 7.98 -29.09
CA GLU C 91 -4.80 7.05 -28.30
C GLU C 91 -5.21 7.12 -26.83
N CYS C 92 -5.52 8.31 -26.34
CA CYS C 92 -6.08 8.44 -25.00
C CYS C 92 -7.44 7.76 -24.90
N LEU C 93 -8.26 7.91 -25.93
CA LEU C 93 -9.58 7.27 -25.93
C LEU C 93 -9.46 5.76 -25.84
N PHE C 94 -8.64 5.15 -26.70
CA PHE C 94 -8.48 3.71 -26.66
C PHE C 94 -7.95 3.22 -25.32
N ARG C 95 -7.11 4.03 -24.66
CA ARG C 95 -6.62 3.65 -23.35
C ARG C 95 -7.72 3.70 -22.30
N TYR C 96 -8.57 4.72 -22.35
CA TYR C 96 -9.73 4.77 -21.47
C TYR C 96 -10.58 3.52 -21.65
N TYR C 97 -10.78 3.09 -22.90
CA TYR C 97 -11.54 1.87 -23.15
C TYR C 97 -10.88 0.66 -22.50
N SER C 98 -9.60 0.44 -22.80
CA SER C 98 -8.92 -0.78 -22.36
C SER C 98 -8.85 -0.83 -20.83
N TYR C 99 -8.25 0.19 -20.22
CA TYR C 99 -8.10 0.20 -18.77
C TYR C 99 -9.44 0.41 -18.07
N GLY C 100 -10.29 1.27 -18.64
CA GLY C 100 -11.57 1.56 -18.00
C GLY C 100 -12.47 0.34 -17.94
N LEU C 101 -12.73 -0.26 -19.11
CA LEU C 101 -13.63 -1.41 -19.17
C LEU C 101 -13.08 -2.61 -18.42
N GLU C 102 -11.78 -2.64 -18.14
CA GLU C 102 -11.23 -3.73 -17.33
C GLU C 102 -11.68 -3.62 -15.88
N LYS C 103 -11.82 -2.40 -15.37
CA LYS C 103 -12.21 -2.22 -13.98
C LYS C 103 -13.72 -2.28 -13.79
N LYS C 104 -14.49 -1.83 -14.79
CA LYS C 104 -15.95 -1.85 -14.69
C LYS C 104 -16.53 -1.87 -16.10
N PHE C 105 -17.23 -2.95 -16.44
CA PHE C 105 -17.79 -3.08 -17.77
C PHE C 105 -19.01 -2.18 -17.93
N ARG C 106 -19.16 -1.63 -19.13
CA ARG C 106 -20.33 -0.83 -19.49
C ARG C 106 -20.71 -1.19 -20.93
N LEU C 107 -21.92 -1.71 -21.11
CA LEU C 107 -22.34 -2.19 -22.42
C LEU C 107 -22.21 -1.09 -23.47
N ASP C 108 -22.73 0.11 -23.16
CA ASP C 108 -22.71 1.20 -24.13
C ASP C 108 -21.28 1.54 -24.54
N ILE C 109 -20.39 1.69 -23.56
CA ILE C 109 -19.00 2.04 -23.85
C ILE C 109 -18.31 0.93 -24.62
N PHE C 110 -18.56 -0.32 -24.22
CA PHE C 110 -17.93 -1.45 -24.92
C PHE C 110 -18.33 -1.48 -26.38
N LYS C 111 -19.59 -1.13 -26.68
CA LYS C 111 -20.02 -1.08 -28.08
C LYS C 111 -19.26 -0.03 -28.86
N ASP C 112 -19.01 1.13 -28.24
CA ASP C 112 -18.21 2.16 -28.89
C ASP C 112 -16.77 1.69 -29.07
N PHE C 113 -16.24 0.96 -28.08
CA PHE C 113 -14.88 0.44 -28.19
C PHE C 113 -14.71 -0.37 -29.47
N GLN C 114 -15.68 -1.25 -29.76
CA GLN C 114 -15.60 -2.07 -30.96
C GLN C 114 -15.74 -1.22 -32.22
N GLU C 115 -16.70 -0.29 -32.23
CA GLU C 115 -16.94 0.53 -33.42
C GLU C 115 -15.69 1.33 -33.78
N GLU C 116 -15.07 1.97 -32.79
CA GLU C 116 -13.89 2.78 -33.06
C GLU C 116 -12.68 1.90 -33.40
N THR C 117 -12.60 0.71 -32.80
CA THR C 117 -11.51 -0.21 -33.14
C THR C 117 -11.61 -0.67 -34.58
N VAL C 118 -12.83 -0.94 -35.05
CA VAL C 118 -13.03 -1.36 -36.43
C VAL C 118 -12.63 -0.23 -37.38
N LYS C 119 -13.11 0.98 -37.10
CA LYS C 119 -12.73 2.13 -37.93
C LYS C 119 -11.23 2.33 -37.92
N ASP C 120 -10.62 2.30 -36.73
CA ASP C 120 -9.17 2.45 -36.63
C ASP C 120 -8.45 1.42 -37.50
N TYR C 121 -8.87 0.16 -37.41
CA TYR C 121 -8.21 -0.89 -38.18
C TYR C 121 -8.39 -0.69 -39.68
N GLU C 122 -9.61 -0.36 -40.12
CA GLU C 122 -9.86 -0.12 -41.53
C GLU C 122 -9.15 1.12 -42.05
N ALA C 123 -8.66 1.98 -41.16
CA ALA C 123 -7.87 3.15 -41.55
C ALA C 123 -6.37 2.84 -41.59
N GLY C 124 -5.98 1.58 -41.44
CA GLY C 124 -4.59 1.21 -41.52
C GLY C 124 -3.81 1.29 -40.22
N GLN C 125 -4.50 1.37 -39.09
CA GLN C 125 -3.85 1.47 -37.79
C GLN C 125 -4.07 0.18 -37.00
N LEU C 126 -3.15 -0.09 -36.06
CA LEU C 126 -3.26 -1.23 -35.18
C LEU C 126 -3.21 -0.86 -33.71
N TYR C 127 -3.14 0.43 -33.38
CA TYR C 127 -3.12 0.80 -31.96
C TYR C 127 -4.44 0.48 -31.29
N GLY C 128 -5.56 0.76 -31.96
CA GLY C 128 -6.85 0.39 -31.42
C GLY C 128 -7.01 -1.11 -31.28
N LEU C 129 -6.73 -1.84 -32.36
CA LEU C 129 -6.90 -3.29 -32.35
C LEU C 129 -6.03 -3.93 -31.27
N GLU C 130 -4.86 -3.36 -30.99
CA GLU C 130 -4.00 -3.92 -29.96
C GLU C 130 -4.57 -3.68 -28.56
N LYS C 131 -5.13 -2.48 -28.33
CA LYS C 131 -5.71 -2.19 -27.02
C LYS C 131 -6.97 -3.03 -26.78
N PHE C 132 -7.73 -3.31 -27.83
CA PHE C 132 -8.91 -4.17 -27.67
C PHE C 132 -8.50 -5.61 -27.37
N TRP C 133 -7.56 -6.14 -28.15
CA TRP C 133 -7.05 -7.47 -27.87
C TRP C 133 -6.44 -7.54 -26.48
N ALA C 134 -5.78 -6.46 -26.05
CA ALA C 134 -5.26 -6.42 -24.68
C ALA C 134 -6.38 -6.48 -23.66
N PHE C 135 -7.49 -5.77 -23.92
CA PHE C 135 -8.63 -5.82 -23.02
C PHE C 135 -9.14 -7.24 -22.87
N LEU C 136 -9.31 -7.95 -23.99
CA LEU C 136 -9.79 -9.33 -23.92
C LEU C 136 -8.83 -10.23 -23.16
N LYS C 137 -7.53 -9.97 -23.26
CA LYS C 137 -6.53 -10.79 -22.59
C LYS C 137 -6.53 -10.60 -21.07
N TYR C 138 -7.17 -9.54 -20.57
CA TYR C 138 -7.24 -9.29 -19.14
C TYR C 138 -8.66 -9.14 -18.62
N SER C 139 -9.67 -9.22 -19.47
CA SER C 139 -11.06 -9.05 -19.04
C SER C 139 -11.43 -10.09 -17.99
N ASN C 143 -18.07 -13.65 -20.29
CA ASN C 143 -17.76 -13.66 -21.71
C ASN C 143 -18.27 -12.38 -22.36
N LEU C 144 -18.00 -12.21 -23.66
CA LEU C 144 -18.32 -10.97 -24.35
C LEU C 144 -18.92 -11.28 -25.72
N ASP C 145 -19.84 -10.41 -26.15
CA ASP C 145 -20.41 -10.49 -27.49
C ASP C 145 -19.63 -9.53 -28.40
N ILE C 146 -18.96 -10.09 -29.40
CA ILE C 146 -18.03 -9.35 -30.25
C ILE C 146 -18.64 -9.21 -31.65
N ASP C 147 -18.39 -8.06 -32.26
CA ASP C 147 -18.79 -7.85 -33.64
C ASP C 147 -18.07 -8.86 -34.53
N PRO C 148 -18.78 -9.65 -35.35
CA PRO C 148 -18.08 -10.64 -36.18
C PRO C 148 -17.01 -10.05 -37.07
N LYS C 149 -17.20 -8.84 -37.58
CA LYS C 149 -16.18 -8.21 -38.42
C LYS C 149 -14.93 -7.91 -37.59
N LEU C 150 -15.10 -7.35 -36.39
CA LEU C 150 -13.97 -7.16 -35.50
C LEU C 150 -13.35 -8.50 -35.11
N GLN C 151 -14.19 -9.52 -34.89
CA GLN C 151 -13.68 -10.84 -34.59
C GLN C 151 -12.83 -11.37 -35.74
N GLU C 152 -13.24 -11.08 -36.98
CA GLU C 152 -12.43 -11.46 -38.14
C GLU C 152 -11.06 -10.81 -38.08
N TYR C 153 -11.00 -9.52 -37.71
CA TYR C 153 -9.72 -8.82 -37.67
C TYR C 153 -8.82 -9.36 -36.56
N LEU C 154 -9.40 -9.72 -35.41
CA LEU C 154 -8.59 -10.22 -34.30
C LEU C 154 -7.93 -11.54 -34.65
N GLY C 155 -8.62 -12.41 -35.38
CA GLY C 155 -8.03 -13.68 -35.77
C GLY C 155 -6.78 -13.49 -36.61
N LYS C 156 -6.86 -12.64 -37.64
CA LYS C 156 -5.69 -12.36 -38.46
C LYS C 156 -4.58 -11.74 -37.63
N PHE C 157 -4.93 -10.92 -36.66
CA PHE C 157 -3.96 -10.29 -35.77
C PHE C 157 -3.12 -11.34 -35.04
N HIS D 13 29.65 31.19 9.14
CA HIS D 13 29.69 29.96 8.36
C HIS D 13 28.28 29.59 7.90
N PRO D 14 28.12 29.16 6.65
CA PRO D 14 26.76 28.85 6.16
C PRO D 14 26.02 27.83 7.01
N SER D 15 26.73 26.84 7.57
CA SER D 15 26.06 25.80 8.33
C SER D 15 25.29 26.38 9.51
N HIS D 16 25.74 27.51 10.05
CA HIS D 16 25.07 28.17 11.16
C HIS D 16 24.16 29.32 10.72
N GLU D 17 24.55 30.05 9.68
CA GLU D 17 23.71 31.12 9.17
C GLU D 17 22.41 30.57 8.59
N LEU D 18 22.48 29.46 7.87
CA LEU D 18 21.31 28.86 7.25
C LEU D 18 20.32 28.30 8.26
N LEU D 19 20.71 28.16 9.53
CA LEU D 19 19.81 27.68 10.57
C LEU D 19 19.09 28.80 11.31
N LYS D 20 19.43 30.06 11.06
CA LYS D 20 18.80 31.17 11.74
C LYS D 20 17.30 31.21 11.41
N GLU D 21 16.58 32.06 12.14
CA GLU D 21 15.13 32.18 11.99
C GLU D 21 14.75 32.32 10.51
N ASN D 22 15.24 33.39 9.87
CA ASN D 22 14.97 33.66 8.47
C ASN D 22 16.29 33.91 7.74
N GLY D 23 17.19 32.92 7.82
CA GLY D 23 18.51 33.05 7.25
C GLY D 23 18.81 32.02 6.19
N PHE D 24 17.85 31.18 5.86
CA PHE D 24 18.04 30.14 4.83
C PHE D 24 17.59 30.66 3.48
N THR D 25 18.41 30.42 2.45
CA THR D 25 18.06 30.72 1.08
C THR D 25 18.60 29.63 0.18
N GLN D 26 17.81 29.23 -0.83
CA GLN D 26 18.25 28.21 -1.75
C GLN D 26 19.57 28.58 -2.43
N HIS D 27 19.81 29.88 -2.63
CA HIS D 27 21.00 30.29 -3.36
C HIS D 27 22.27 30.05 -2.53
N VAL D 28 22.23 30.38 -1.24
CA VAL D 28 23.40 30.19 -0.39
C VAL D 28 23.58 28.72 -0.05
N TYR D 29 22.48 27.99 0.15
CA TYR D 29 22.58 26.56 0.44
C TYR D 29 23.11 25.79 -0.75
N HIS D 30 22.50 26.00 -1.93
CA HIS D 30 22.93 25.30 -3.13
C HIS D 30 24.43 25.42 -3.32
N LYS D 31 24.96 26.64 -3.25
CA LYS D 31 26.40 26.84 -3.40
C LYS D 31 27.16 26.23 -2.22
N TYR D 32 26.61 26.34 -1.01
CA TYR D 32 27.24 25.74 0.16
C TYR D 32 27.27 24.23 0.03
N ARG D 33 26.14 23.61 -0.31
CA ARG D 33 26.07 22.18 -0.50
C ARG D 33 27.17 21.68 -1.45
N ARG D 34 27.16 22.20 -2.68
CA ARG D 34 28.12 21.72 -3.68
C ARG D 34 29.56 21.92 -3.22
N ARG D 35 29.82 22.98 -2.45
CA ARG D 35 31.17 23.19 -1.92
C ARG D 35 31.55 22.06 -0.97
N CYS D 36 30.60 21.58 -0.17
CA CYS D 36 30.89 20.48 0.74
C CYS D 36 31.14 19.19 -0.03
N LEU D 37 30.28 18.89 -1.01
CA LEU D 37 30.46 17.67 -1.80
C LEU D 37 31.79 17.70 -2.55
N ASN D 38 32.18 18.88 -3.05
CA ASN D 38 33.44 18.98 -3.78
C ASN D 38 34.62 18.64 -2.88
N GLU D 39 34.59 19.11 -1.62
CA GLU D 39 35.66 18.78 -0.69
C GLU D 39 35.63 17.29 -0.31
N ARG D 40 34.44 16.69 -0.32
CA ARG D 40 34.33 15.26 -0.07
C ARG D 40 34.89 14.46 -1.23
N LYS D 41 34.69 14.94 -2.46
CA LYS D 41 35.25 14.26 -3.64
C LYS D 41 36.76 14.43 -3.69
N ARG D 42 37.26 15.61 -3.31
CA ARG D 42 38.68 15.91 -3.47
C ARG D 42 39.52 15.26 -2.38
N LEU D 43 39.10 15.39 -1.11
CA LEU D 43 39.88 14.88 0.01
C LEU D 43 39.52 13.45 0.39
N GLY D 44 38.30 13.02 0.12
CA GLY D 44 37.90 11.65 0.39
C GLY D 44 36.84 11.57 1.48
N ILE D 45 36.19 10.41 1.55
CA ILE D 45 35.17 10.17 2.56
C ILE D 45 35.77 10.32 3.94
N GLY D 46 35.06 11.01 4.82
CA GLY D 46 35.49 11.18 6.19
C GLY D 46 36.69 12.08 6.39
N GLN D 47 37.16 12.75 5.33
CA GLN D 47 38.33 13.61 5.40
C GLN D 47 37.98 15.09 5.23
N SER D 48 36.71 15.44 5.25
CA SER D 48 36.25 16.80 4.97
C SER D 48 35.50 17.35 6.17
N GLN D 49 36.11 18.34 6.84
CA GLN D 49 35.42 19.05 7.91
C GLN D 49 34.15 19.72 7.38
N GLU D 50 34.19 20.21 6.14
CA GLU D 50 33.01 20.87 5.58
C GLU D 50 31.85 19.89 5.46
N MET D 51 32.10 18.67 4.99
CA MET D 51 31.04 17.67 4.92
C MET D 51 30.44 17.41 6.29
N ASN D 52 31.25 17.51 7.35
CA ASN D 52 30.72 17.32 8.70
C ASN D 52 29.71 18.40 9.06
N THR D 53 30.00 19.65 8.69
CA THR D 53 29.03 20.72 8.95
C THR D 53 27.73 20.47 8.20
N LEU D 54 27.82 19.96 6.97
CA LEU D 54 26.61 19.65 6.21
C LEU D 54 25.80 18.56 6.89
N PHE D 55 26.46 17.49 7.37
CA PHE D 55 25.74 16.46 8.10
C PHE D 55 25.04 17.05 9.32
N ARG D 56 25.70 18.00 9.99
CA ARG D 56 25.09 18.62 11.17
C ARG D 56 23.94 19.54 10.77
N PHE D 57 24.11 20.34 9.72
CA PHE D 57 23.04 21.21 9.26
C PHE D 57 21.79 20.41 8.92
N TRP D 58 21.96 19.35 8.12
CA TRP D 58 20.82 18.52 7.73
C TRP D 58 20.09 17.99 8.96
N SER D 59 20.83 17.43 9.92
CA SER D 59 20.19 16.82 11.08
C SER D 59 19.29 17.81 11.81
N TYR D 60 19.72 19.07 11.92
CA TYR D 60 18.92 20.06 12.61
C TYR D 60 17.88 20.69 11.70
N PHE D 61 18.28 21.05 10.47
CA PHE D 61 17.36 21.73 9.57
C PHE D 61 16.11 20.90 9.31
N LEU D 62 16.30 19.62 9.00
CA LEU D 62 15.18 18.75 8.62
C LEU D 62 14.21 18.49 9.77
N GLU D 63 14.53 18.89 10.99
CA GLU D 63 13.59 18.71 12.09
C GLU D 63 12.32 19.50 11.86
N ASP D 64 12.45 20.77 11.49
CA ASP D 64 11.29 21.61 11.20
C ASP D 64 10.91 21.54 9.73
N HIS D 65 11.82 21.95 8.85
CA HIS D 65 11.61 21.83 7.42
C HIS D 65 11.80 20.38 6.98
N PHE D 66 11.45 20.11 5.72
CA PHE D 66 11.59 18.76 5.19
C PHE D 66 11.73 18.82 3.68
N ASN D 67 12.77 18.18 3.15
CA ASN D 67 13.02 18.15 1.72
C ASN D 67 13.40 16.72 1.36
N LYS D 68 12.56 16.06 0.55
CA LYS D 68 12.91 14.71 0.09
C LYS D 68 14.24 14.71 -0.65
N LYS D 69 14.63 15.83 -1.24
CA LYS D 69 15.93 15.93 -1.87
C LYS D 69 17.05 15.93 -0.84
N MET D 70 16.88 16.68 0.24
CA MET D 70 17.91 16.73 1.28
C MET D 70 17.98 15.43 2.05
N TYR D 71 16.86 14.99 2.62
CA TYR D 71 16.85 13.79 3.44
C TYR D 71 17.41 12.59 2.69
N GLU D 72 16.95 12.37 1.46
CA GLU D 72 17.45 11.24 0.68
C GLU D 72 18.95 11.34 0.44
N GLU D 73 19.47 12.56 0.29
CA GLU D 73 20.91 12.74 0.14
C GLU D 73 21.61 12.66 1.50
N PHE D 74 20.95 13.10 2.56
CA PHE D 74 21.49 12.90 3.91
C PHE D 74 21.69 11.42 4.20
N LYS D 75 20.69 10.60 3.86
CA LYS D 75 20.76 9.18 4.17
C LYS D 75 21.80 8.47 3.30
N GLN D 76 21.83 8.78 2.00
CA GLN D 76 22.76 8.13 1.10
C GLN D 76 24.21 8.36 1.55
N LEU D 77 24.58 9.62 1.76
CA LEU D 77 25.96 9.94 2.10
C LEU D 77 26.32 9.51 3.50
N ALA D 78 25.37 9.54 4.43
CA ALA D 78 25.64 9.08 5.80
C ALA D 78 25.96 7.59 5.81
N LEU D 79 25.13 6.79 5.13
CA LEU D 79 25.39 5.36 5.05
C LEU D 79 26.66 5.07 4.25
N GLU D 80 26.87 5.82 3.16
CA GLU D 80 28.07 5.62 2.35
C GLU D 80 29.32 5.88 3.18
N ASP D 81 29.27 6.85 4.09
CA ASP D 81 30.39 7.09 4.98
C ASP D 81 30.49 6.03 6.07
N ALA D 82 29.34 5.54 6.56
CA ALA D 82 29.34 4.54 7.61
C ALA D 82 29.96 3.23 7.13
N LYS D 83 29.76 2.88 5.86
CA LYS D 83 30.39 1.67 5.33
C LYS D 83 31.91 1.78 5.30
N GLU D 84 32.44 2.99 5.15
CA GLU D 84 33.87 3.22 5.18
C GLU D 84 34.42 3.33 6.60
N GLY D 85 33.56 3.24 7.61
CA GLY D 85 33.98 3.32 9.00
C GLY D 85 33.79 4.67 9.65
N TYR D 86 33.39 5.68 8.89
CA TYR D 86 33.21 7.03 9.43
C TYR D 86 31.75 7.23 9.84
N ARG D 87 31.53 7.45 11.13
CA ARG D 87 30.22 7.31 11.73
C ARG D 87 29.47 8.63 11.92
N TYR D 88 30.14 9.77 11.83
CA TYR D 88 29.50 11.04 12.22
C TYR D 88 28.24 11.28 11.39
N GLY D 89 28.33 11.09 10.07
CA GLY D 89 27.14 11.27 9.24
C GLY D 89 25.97 10.44 9.70
N LEU D 90 26.22 9.14 9.96
CA LEU D 90 25.15 8.26 10.42
C LEU D 90 24.73 8.62 11.85
N GLU D 91 25.68 9.03 12.68
CA GLU D 91 25.34 9.51 14.02
C GLU D 91 24.45 10.74 13.94
N CYS D 92 24.76 11.68 13.05
CA CYS D 92 23.89 12.82 12.83
C CYS D 92 22.50 12.35 12.41
N LEU D 93 22.43 11.35 11.52
CA LEU D 93 21.13 10.89 11.03
C LEU D 93 20.29 10.32 12.16
N PHE D 94 20.90 9.53 13.04
CA PHE D 94 20.13 8.95 14.15
C PHE D 94 19.65 10.01 15.12
N ARG D 95 20.41 11.11 15.27
CA ARG D 95 19.93 12.21 16.10
C ARG D 95 18.76 12.93 15.44
N TYR D 96 18.73 12.99 14.12
CA TYR D 96 17.58 13.55 13.43
C TYR D 96 16.35 12.66 13.58
N TYR D 97 16.54 11.34 13.48
CA TYR D 97 15.43 10.41 13.66
C TYR D 97 14.83 10.56 15.06
N SER D 98 15.66 10.54 16.09
CA SER D 98 15.18 10.60 17.47
C SER D 98 14.48 11.92 17.75
N TYR D 99 15.25 13.01 17.76
CA TYR D 99 14.66 14.32 18.09
C TYR D 99 13.61 14.73 17.07
N GLY D 100 13.86 14.46 15.79
CA GLY D 100 12.96 14.87 14.73
C GLY D 100 11.55 14.31 14.87
N LEU D 101 11.45 12.98 14.89
CA LEU D 101 10.14 12.35 14.97
C LEU D 101 9.42 12.69 16.28
N GLU D 102 10.17 12.90 17.35
CA GLU D 102 9.55 13.32 18.61
C GLU D 102 8.86 14.66 18.47
N LYS D 103 9.38 15.53 17.60
CA LYS D 103 8.79 16.85 17.40
C LYS D 103 7.57 16.77 16.48
N LYS D 104 7.74 16.14 15.32
CA LYS D 104 6.65 15.97 14.36
C LYS D 104 6.76 14.56 13.80
N PHE D 105 6.01 13.63 14.37
CA PHE D 105 6.08 12.25 13.96
C PHE D 105 5.70 12.10 12.48
N ARG D 106 6.26 11.07 11.85
CA ARG D 106 5.95 10.77 10.46
C ARG D 106 6.15 9.29 10.23
N LEU D 107 5.18 8.65 9.58
CA LEU D 107 5.24 7.21 9.37
C LEU D 107 6.26 6.82 8.31
N ASP D 108 6.44 7.66 7.29
CA ASP D 108 7.40 7.33 6.23
C ASP D 108 8.83 7.38 6.75
N ILE D 109 9.17 8.43 7.50
CA ILE D 109 10.51 8.52 8.08
C ILE D 109 10.67 7.49 9.20
N PHE D 110 9.63 7.31 10.01
CA PHE D 110 9.71 6.36 11.10
C PHE D 110 9.94 4.93 10.61
N LYS D 111 9.52 4.64 9.37
CA LYS D 111 9.79 3.33 8.80
C LYS D 111 11.27 3.16 8.48
N ASP D 112 11.94 4.24 8.05
CA ASP D 112 13.38 4.18 7.82
C ASP D 112 14.14 4.17 9.14
N PHE D 113 13.60 4.80 10.18
CA PHE D 113 14.25 4.76 11.49
C PHE D 113 14.52 3.33 11.91
N GLN D 114 13.53 2.44 11.74
CA GLN D 114 13.73 1.04 12.08
C GLN D 114 14.62 0.35 11.05
N GLU D 115 14.41 0.62 9.76
CA GLU D 115 15.21 -0.02 8.74
C GLU D 115 16.70 0.26 8.93
N GLU D 116 17.05 1.44 9.41
CA GLU D 116 18.45 1.79 9.65
C GLU D 116 18.92 1.38 11.03
N THR D 117 18.02 1.27 12.01
CA THR D 117 18.41 0.80 13.33
C THR D 117 18.81 -0.66 13.30
N VAL D 118 18.10 -1.48 12.52
CA VAL D 118 18.41 -2.91 12.44
C VAL D 118 19.77 -3.11 11.79
N LYS D 119 19.99 -2.47 10.63
CA LYS D 119 21.30 -2.58 9.97
C LYS D 119 22.42 -2.16 10.90
N ASP D 120 22.20 -1.12 11.69
CA ASP D 120 23.23 -0.66 12.63
C ASP D 120 23.45 -1.68 13.73
N TYR D 121 22.38 -2.21 14.30
CA TYR D 121 22.51 -3.23 15.33
C TYR D 121 23.17 -4.48 14.77
N GLU D 122 22.63 -5.03 13.69
CA GLU D 122 23.18 -6.24 13.09
C GLU D 122 24.62 -6.07 12.62
N ALA D 123 25.14 -4.84 12.59
CA ALA D 123 26.53 -4.59 12.27
C ALA D 123 27.42 -4.53 13.50
N GLY D 124 26.87 -4.74 14.69
CA GLY D 124 27.62 -4.71 15.92
C GLY D 124 27.61 -3.38 16.65
N GLN D 125 26.78 -2.44 16.23
CA GLN D 125 26.69 -1.13 16.88
C GLN D 125 25.47 -1.08 17.80
N LEU D 126 25.49 -0.11 18.71
CA LEU D 126 24.36 0.17 19.58
C LEU D 126 24.00 1.65 19.64
N TYR D 127 24.66 2.50 18.85
CA TYR D 127 24.33 3.92 18.85
C TYR D 127 22.92 4.16 18.34
N GLY D 128 22.60 3.57 17.18
CA GLY D 128 21.26 3.74 16.64
C GLY D 128 20.18 3.19 17.55
N LEU D 129 20.38 1.98 18.06
CA LEU D 129 19.40 1.38 18.95
C LEU D 129 19.15 2.25 20.16
N GLU D 130 20.21 2.85 20.72
CA GLU D 130 20.05 3.71 21.88
C GLU D 130 19.18 4.92 21.56
N LYS D 131 19.39 5.52 20.37
CA LYS D 131 18.56 6.64 19.97
C LYS D 131 17.12 6.21 19.73
N PHE D 132 16.92 5.02 19.17
CA PHE D 132 15.57 4.49 19.01
C PHE D 132 14.93 4.23 20.37
N TRP D 133 15.71 3.75 21.33
CA TRP D 133 15.20 3.57 22.69
C TRP D 133 14.83 4.89 23.32
N ALA D 134 15.64 5.94 23.08
CA ALA D 134 15.35 7.24 23.66
C ALA D 134 14.11 7.86 23.04
N PHE D 135 13.94 7.70 21.72
CA PHE D 135 12.77 8.26 21.05
C PHE D 135 11.48 7.75 21.69
N LEU D 136 11.38 6.43 21.90
CA LEU D 136 10.18 5.86 22.50
C LEU D 136 9.99 6.37 23.92
N LYS D 137 11.09 6.53 24.67
CA LYS D 137 10.99 6.99 26.05
C LYS D 137 10.48 8.43 26.10
N TYR D 138 11.05 9.31 25.29
CA TYR D 138 10.67 10.72 25.33
C TYR D 138 9.41 11.00 24.52
N SER D 139 9.17 10.24 23.46
CA SER D 139 7.95 10.39 22.68
C SER D 139 6.80 9.68 23.41
N LYS D 140 5.62 9.71 22.79
CA LYS D 140 4.43 9.10 23.38
C LYS D 140 4.32 7.64 22.95
N ALA D 141 3.93 6.79 23.90
CA ALA D 141 3.73 5.37 23.63
C ALA D 141 2.36 5.18 22.98
N LYS D 142 2.32 5.42 21.67
CA LYS D 142 1.07 5.41 20.90
C LYS D 142 0.85 4.09 20.18
N ASN D 143 1.31 2.98 20.75
CA ASN D 143 1.11 1.66 20.16
C ASN D 143 1.57 1.64 18.71
N LEU D 144 2.81 2.08 18.49
CA LEU D 144 3.35 2.12 17.14
C LEU D 144 3.51 0.72 16.57
N ASP D 145 3.24 0.57 15.28
CA ASP D 145 3.41 -0.71 14.61
C ASP D 145 4.88 -1.06 14.51
N ILE D 146 5.48 -1.46 15.62
CA ILE D 146 6.91 -1.73 15.68
C ILE D 146 7.18 -3.13 15.17
N ASP D 147 8.21 -3.26 14.34
CA ASP D 147 8.59 -4.57 13.83
C ASP D 147 8.96 -5.50 14.99
N PRO D 148 8.51 -6.76 14.97
CA PRO D 148 8.83 -7.64 16.11
C PRO D 148 10.31 -7.88 16.30
N LYS D 149 11.07 -8.00 15.20
CA LYS D 149 12.51 -8.22 15.33
C LYS D 149 13.18 -7.08 16.08
N LEU D 150 12.84 -5.83 15.74
CA LEU D 150 13.41 -4.69 16.44
C LEU D 150 12.97 -4.68 17.90
N GLN D 151 11.74 -5.10 18.17
CA GLN D 151 11.30 -5.23 19.56
C GLN D 151 12.11 -6.30 20.29
N GLU D 152 12.52 -7.36 19.58
CA GLU D 152 13.38 -8.37 20.19
C GLU D 152 14.74 -7.79 20.53
N TYR D 153 15.37 -7.10 19.57
CA TYR D 153 16.65 -6.46 19.84
C TYR D 153 16.54 -5.48 21.00
N LEU D 154 15.40 -4.81 21.12
CA LEU D 154 15.19 -3.87 22.22
C LEU D 154 15.15 -4.61 23.55
N GLY D 155 15.70 -3.98 24.58
CA GLY D 155 15.73 -4.57 25.91
C GLY D 155 16.89 -4.07 26.74
#